data_8X1A
#
_entry.id   8X1A
#
_cell.length_a   57.288
_cell.length_b   63.312
_cell.length_c   75.323
_cell.angle_alpha   90.00
_cell.angle_beta   90.00
_cell.angle_gamma   90.00
#
_symmetry.space_group_name_H-M   'P 21 21 21'
#
loop_
_entity.id
_entity.type
_entity.pdbx_description
1 polymer 'Iron(III) ABC transporter, periplasmic iron-compound-binding protein'
2 non-polymer 6-O-phosphono-alpha-D-glucopyranose
3 water water
#
_entity_poly.entity_id   1
_entity_poly.type   'polypeptide(L)'
_entity_poly.pdbx_seq_one_letter_code
;SHMEGRLVVYCSATNAMCEAGTKAFAEKYNVNTSFVRNGSGSTLAKIDAEKNNPRADVWYGGTLDPQSQAGEMDLLQAYQ
SPELANIMEGFRDPAKRKGNYSSAVYMGILGFGVNTERLAQKGIPIPRCWADLTKPEYKGEIQISDPQSSGTAYTALATF
IQLWDEPTAFEYFKKLDKNVSQYTKSGVTPSRNSARGEVAIGIGFLHDYSLEQAKGAPLELISPCEGTGYELGGVSIIKG
ARNLDNAKLFVDWVLSKEGQEVAWKQGDSYQILTNTQAEQSPNALDPKTLKLINYDMETYGSSDERKRLITKWVNEIKMG
N
;
_entity_poly.pdbx_strand_id   B
#
loop_
_chem_comp.id
_chem_comp.type
_chem_comp.name
_chem_comp.formula
G6P D-saccharide, alpha linking 6-O-phosphono-alpha-D-glucopyranose 'C6 H13 O9 P'
#
# COMPACT_ATOMS: atom_id res chain seq x y z
N SER A 1 -22.64 -17.94 -22.54
CA SER A 1 -23.45 -16.72 -22.48
C SER A 1 -23.59 -16.24 -21.04
N HIS A 2 -24.71 -16.58 -20.39
CA HIS A 2 -25.03 -15.95 -19.10
C HIS A 2 -24.07 -16.32 -17.97
N MET A 3 -23.65 -15.33 -17.19
CA MET A 3 -22.83 -15.57 -16.00
C MET A 3 -23.60 -15.09 -14.75
N GLU A 4 -22.90 -14.93 -13.64
CA GLU A 4 -23.55 -14.66 -12.36
C GLU A 4 -23.44 -13.19 -11.95
N GLY A 5 -23.48 -12.30 -12.94
CA GLY A 5 -23.44 -10.89 -12.66
C GLY A 5 -22.06 -10.34 -12.91
N ARG A 6 -21.89 -9.12 -12.46
CA ARG A 6 -20.71 -8.29 -12.74
C ARG A 6 -20.01 -7.85 -11.47
N LEU A 7 -18.75 -7.50 -11.60
CA LEU A 7 -18.06 -6.85 -10.50
C LEU A 7 -17.01 -5.93 -11.11
N VAL A 8 -17.03 -4.67 -10.71
CA VAL A 8 -16.04 -3.70 -11.20
C VAL A 8 -15.14 -3.29 -10.05
N VAL A 9 -13.85 -3.56 -10.22
CA VAL A 9 -12.92 -3.38 -9.10
C VAL A 9 -11.98 -2.20 -9.35
N TYR A 10 -11.94 -1.25 -8.42
CA TYR A 10 -10.86 -0.25 -8.44
C TYR A 10 -9.76 -0.82 -7.58
N CYS A 11 -8.68 -1.23 -8.26
CA CYS A 11 -7.61 -1.89 -7.51
C CYS A 11 -6.49 -0.91 -7.30
N SER A 12 -5.78 -1.04 -6.11
CA SER A 12 -4.59 -0.22 -5.84
C SER A 12 -3.35 -1.06 -5.43
N ALA A 13 -3.49 -2.39 -5.49
CA ALA A 13 -2.32 -3.29 -5.36
C ALA A 13 -1.56 -3.28 -6.66
N THR A 14 -0.55 -4.13 -6.79
CA THR A 14 0.11 -4.23 -8.10
C THR A 14 -0.83 -4.81 -9.13
N ASN A 15 -0.57 -4.51 -10.39
CA ASN A 15 -1.35 -5.10 -11.46
C ASN A 15 -1.39 -6.63 -11.34
N ALA A 16 -0.28 -7.23 -10.94
CA ALA A 16 -0.19 -8.68 -10.85
C ALA A 16 -1.10 -9.21 -9.79
N MET A 17 -1.14 -8.52 -8.66
CA MET A 17 -2.02 -8.99 -7.59
C MET A 17 -3.48 -8.74 -7.98
N CYS A 18 -3.75 -7.65 -8.56
CA CYS A 18 -5.06 -7.28 -9.01
C CYS A 18 -5.65 -8.29 -10.03
N GLU A 19 -4.73 -8.66 -11.00
CA GLU A 19 -5.08 -9.63 -12.04
C GLU A 19 -5.29 -11.02 -11.41
N ALA A 20 -4.38 -11.46 -10.55
CA ALA A 20 -4.52 -12.81 -9.96
C ALA A 20 -5.76 -12.94 -9.09
N GLY A 21 -6.00 -11.93 -8.28
CA GLY A 21 -7.13 -11.89 -7.37
C GLY A 21 -8.46 -11.86 -8.11
N THR A 22 -8.63 -10.95 -9.06
CA THR A 22 -9.92 -10.86 -9.75
C THR A 22 -10.14 -12.05 -10.66
N LYS A 23 -9.08 -12.60 -11.23
CA LYS A 23 -9.22 -13.77 -12.09
C LYS A 23 -9.70 -14.96 -11.26
N ALA A 24 -9.02 -15.19 -10.13
CA ALA A 24 -9.39 -16.33 -9.29
C ALA A 24 -10.82 -16.16 -8.75
N PHE A 25 -11.19 -14.95 -8.37
CA PHE A 25 -12.57 -14.71 -7.94
C PHE A 25 -13.57 -14.99 -9.05
N ALA A 26 -13.29 -14.42 -10.23
CA ALA A 26 -14.18 -14.57 -11.39
C ALA A 26 -14.36 -16.04 -11.77
N GLU A 27 -13.28 -16.81 -11.71
CA GLU A 27 -13.36 -18.19 -12.18
C GLU A 27 -14.10 -19.07 -11.17
N LYS A 28 -13.97 -18.75 -9.90
CA LYS A 28 -14.65 -19.51 -8.86
C LYS A 28 -16.15 -19.24 -8.88
N TYR A 29 -16.50 -17.96 -9.02
CA TYR A 29 -17.90 -17.60 -8.84
C TYR A 29 -18.63 -17.32 -10.15
N ASN A 30 -17.92 -17.47 -11.27
CA ASN A 30 -18.48 -17.21 -12.59
C ASN A 30 -19.08 -15.80 -12.66
N VAL A 31 -18.35 -14.84 -12.12
CA VAL A 31 -18.70 -13.43 -12.17
C VAL A 31 -17.84 -12.69 -13.21
N ASN A 32 -18.49 -11.91 -14.07
CA ASN A 32 -17.78 -11.11 -15.07
C ASN A 32 -17.11 -9.94 -14.37
N THR A 33 -15.80 -10.07 -14.16
CA THR A 33 -15.05 -9.16 -13.32
C THR A 33 -14.06 -8.34 -14.12
N SER A 34 -14.01 -7.06 -13.82
CA SER A 34 -13.02 -6.20 -14.46
C SER A 34 -12.35 -5.35 -13.40
N PHE A 35 -11.16 -4.87 -13.69
CA PHE A 35 -10.49 -3.99 -12.76
C PHE A 35 -9.71 -2.91 -13.50
N VAL A 36 -9.43 -1.83 -12.79
CA VAL A 36 -8.41 -0.89 -13.25
C VAL A 36 -7.53 -0.65 -12.03
N ARG A 37 -6.29 -0.29 -12.28
CA ARG A 37 -5.33 -0.14 -11.19
C ARG A 37 -4.90 1.33 -11.13
N ASN A 38 -4.95 1.92 -9.93
CA ASN A 38 -4.52 3.31 -9.75
C ASN A 38 -3.93 3.45 -8.35
N GLY A 39 -3.12 4.47 -8.14
CA GLY A 39 -2.60 4.73 -6.82
C GLY A 39 -3.71 4.91 -5.80
N SER A 40 -3.40 4.65 -4.53
CA SER A 40 -4.42 4.68 -3.49
C SER A 40 -5.07 6.06 -3.34
N GLY A 41 -4.27 7.11 -3.40
CA GLY A 41 -4.77 8.49 -3.32
C GLY A 41 -5.52 8.88 -4.58
N SER A 42 -4.99 8.50 -5.73
CA SER A 42 -5.66 8.72 -7.01
C SER A 42 -7.03 8.05 -7.01
N THR A 43 -7.09 6.86 -6.44
CA THR A 43 -8.34 6.13 -6.45
C THR A 43 -9.39 6.84 -5.58
N LEU A 44 -8.94 7.36 -4.43
CA LEU A 44 -9.84 8.13 -3.56
C LEU A 44 -10.45 9.29 -4.34
N ALA A 45 -9.63 10.01 -5.08
CA ALA A 45 -10.07 11.15 -5.86
C ALA A 45 -11.09 10.75 -6.91
N LYS A 46 -10.84 9.61 -7.56
CA LYS A 46 -11.74 9.09 -8.58
C LYS A 46 -13.10 8.74 -7.98
N ILE A 47 -13.11 7.98 -6.87
CA ILE A 47 -14.38 7.62 -6.21
C ILE A 47 -15.12 8.87 -5.72
N ASP A 48 -14.39 9.86 -5.20
CA ASP A 48 -15.01 11.12 -4.81
C ASP A 48 -15.63 11.82 -6.01
N ALA A 49 -14.91 11.86 -7.14
CA ALA A 49 -15.42 12.54 -8.32
C ALA A 49 -16.68 11.86 -8.87
N GLU A 50 -16.75 10.55 -8.73
CA GLU A 50 -17.83 9.74 -9.29
C GLU A 50 -18.99 9.44 -8.33
N LYS A 51 -19.01 10.08 -7.17
CA LYS A 51 -19.90 9.61 -6.12
C LYS A 51 -21.39 9.69 -6.46
N ASN A 52 -21.79 10.61 -7.32
CA ASN A 52 -23.21 10.76 -7.71
C ASN A 52 -23.61 9.71 -8.73
N ASN A 53 -22.63 9.11 -9.37
CA ASN A 53 -22.91 8.07 -10.33
C ASN A 53 -21.76 7.07 -10.33
N PRO A 54 -21.64 6.30 -9.23
CA PRO A 54 -20.51 5.41 -9.01
C PRO A 54 -20.27 4.44 -10.16
N ARG A 55 -19.00 4.23 -10.48
CA ARG A 55 -18.61 3.39 -11.59
C ARG A 55 -18.07 2.04 -11.12
N ALA A 56 -17.56 1.98 -9.89
CA ALA A 56 -16.95 0.75 -9.41
C ALA A 56 -17.78 0.20 -8.24
N ASP A 57 -17.54 -1.07 -7.90
CA ASP A 57 -18.27 -1.74 -6.85
C ASP A 57 -17.42 -1.84 -5.60
N VAL A 58 -16.12 -2.12 -5.78
CA VAL A 58 -15.23 -2.36 -4.66
C VAL A 58 -13.90 -1.76 -4.93
N TRP A 59 -13.23 -1.38 -3.86
CA TRP A 59 -11.88 -0.83 -3.89
C TRP A 59 -10.99 -1.86 -3.21
N TYR A 60 -10.05 -2.43 -3.97
CA TYR A 60 -9.24 -3.53 -3.45
C TYR A 60 -7.76 -3.19 -3.42
N GLY A 61 -7.13 -3.35 -2.26
CA GLY A 61 -5.67 -3.16 -2.17
C GLY A 61 -5.31 -1.69 -2.09
N GLY A 62 -4.00 -1.42 -2.08
CA GLY A 62 -3.56 -0.09 -1.76
C GLY A 62 -3.60 0.04 -0.25
N THR A 63 -3.14 1.19 0.24
CA THR A 63 -3.06 1.38 1.68
C THR A 63 -4.40 1.74 2.29
N LEU A 64 -4.50 1.54 3.60
CA LEU A 64 -5.76 1.77 4.28
C LEU A 64 -6.11 3.25 4.50
N ASP A 65 -5.12 4.12 4.68
CA ASP A 65 -5.46 5.51 5.05
C ASP A 65 -6.43 6.22 4.10
N PRO A 66 -6.25 6.11 2.76
CA PRO A 66 -7.23 6.73 1.83
C PRO A 66 -8.59 6.07 1.93
N GLN A 67 -8.61 4.75 2.19
CA GLN A 67 -9.90 4.06 2.35
C GLN A 67 -10.57 4.50 3.65
N SER A 68 -9.79 4.66 4.74
CA SER A 68 -10.33 5.20 5.98
C SER A 68 -10.91 6.63 5.77
N GLN A 69 -10.21 7.43 4.98
CA GLN A 69 -10.69 8.79 4.69
C GLN A 69 -12.02 8.68 3.92
N ALA A 70 -12.05 7.81 2.91
CA ALA A 70 -13.32 7.59 2.17
C ALA A 70 -14.48 7.19 3.07
N GLY A 71 -14.24 6.30 4.04
CA GLY A 71 -15.30 5.89 4.97
C GLY A 71 -15.82 7.09 5.74
N GLU A 72 -14.90 7.90 6.26
CA GLU A 72 -15.29 9.15 6.95
C GLU A 72 -16.09 10.06 6.04
N MET A 73 -15.75 10.05 4.76
CA MET A 73 -16.40 10.96 3.81
C MET A 73 -17.73 10.43 3.23
N ASP A 74 -18.24 9.34 3.78
CA ASP A 74 -19.49 8.72 3.31
C ASP A 74 -19.38 8.26 1.85
N LEU A 75 -18.21 7.82 1.43
CA LEU A 75 -18.05 7.32 0.06
C LEU A 75 -18.13 5.81 -0.04
N LEU A 76 -18.18 5.17 1.13
CA LEU A 76 -18.20 3.70 1.23
C LEU A 76 -19.48 3.22 1.86
N GLN A 77 -19.86 1.98 1.61
CA GLN A 77 -20.90 1.42 2.44
C GLN A 77 -20.39 0.27 3.33
N ALA A 78 -20.86 0.27 4.58
CA ALA A 78 -20.34 -0.70 5.54
C ALA A 78 -20.86 -2.11 5.27
N TYR A 79 -19.98 -3.07 5.46
CA TYR A 79 -20.34 -4.49 5.37
C TYR A 79 -19.41 -5.31 6.25
N GLN A 80 -19.98 -6.01 7.24
CA GLN A 80 -19.17 -6.82 8.15
C GLN A 80 -19.20 -8.26 7.68
N SER A 81 -18.11 -8.73 7.07
CA SER A 81 -18.02 -10.10 6.56
C SER A 81 -17.94 -11.09 7.72
N PRO A 82 -18.59 -12.26 7.58
CA PRO A 82 -18.39 -13.35 8.55
C PRO A 82 -16.92 -13.71 8.64
N GLU A 83 -16.18 -13.45 7.56
CA GLU A 83 -14.79 -13.86 7.51
C GLU A 83 -13.96 -13.06 8.53
N LEU A 84 -14.49 -11.95 9.04
CA LEU A 84 -13.71 -11.16 10.00
C LEU A 84 -13.35 -11.96 11.25
N ALA A 85 -14.11 -13.03 11.54
CA ALA A 85 -13.83 -13.87 12.70
C ALA A 85 -12.45 -14.52 12.58
N ASN A 86 -11.98 -14.63 11.35
CA ASN A 86 -10.69 -15.25 11.07
C ASN A 86 -9.57 -14.23 10.87
N ILE A 87 -9.87 -12.95 11.03
CA ILE A 87 -8.85 -11.93 10.81
C ILE A 87 -8.15 -11.66 12.12
N MET A 88 -6.82 -11.56 12.08
CA MET A 88 -6.02 -11.28 13.28
C MET A 88 -6.63 -10.17 14.15
N GLU A 89 -6.70 -10.42 15.45
CA GLU A 89 -7.15 -9.41 16.40
C GLU A 89 -6.30 -8.17 16.27
N GLY A 90 -6.93 -7.01 16.30
CA GLY A 90 -6.23 -5.75 16.14
C GLY A 90 -6.32 -5.23 14.73
N PHE A 91 -6.61 -6.12 13.80
CA PHE A 91 -6.76 -5.78 12.37
C PHE A 91 -8.19 -5.95 11.85
N ARG A 92 -9.14 -6.28 12.71
CA ARG A 92 -10.49 -6.60 12.23
C ARG A 92 -11.32 -5.41 11.77
N ASP A 93 -11.15 -4.27 12.41
CA ASP A 93 -11.92 -3.06 12.07
C ASP A 93 -11.04 -1.83 12.32
N PRO A 94 -10.01 -1.67 11.52
CA PRO A 94 -8.91 -0.76 11.91
C PRO A 94 -9.05 0.73 11.50
N ALA A 95 -10.01 1.08 10.64
CA ALA A 95 -10.09 2.42 10.13
C ALA A 95 -10.70 3.41 11.09
N LYS A 96 -10.63 4.69 10.74
CA LYS A 96 -11.18 5.74 11.60
C LYS A 96 -12.67 5.56 11.93
N ARG A 97 -13.47 5.29 10.91
CA ARG A 97 -14.89 5.12 11.14
C ARG A 97 -15.25 3.65 11.25
N LYS A 98 -15.71 3.25 12.44
CA LYS A 98 -15.84 1.83 12.72
C LYS A 98 -17.10 1.26 12.11
N GLY A 99 -17.15 -0.06 12.03
CA GLY A 99 -18.25 -0.75 11.37
C GLY A 99 -17.90 -1.40 10.05
N ASN A 100 -16.60 -1.49 9.74
CA ASN A 100 -16.10 -2.09 8.50
C ASN A 100 -16.70 -1.48 7.23
N TYR A 101 -16.59 -0.16 7.15
CA TYR A 101 -16.58 0.49 5.85
C TYR A 101 -15.36 0.02 5.05
N SER A 102 -14.29 -0.35 5.77
CA SER A 102 -13.07 -0.93 5.16
C SER A 102 -12.58 -2.10 6.03
N SER A 103 -11.95 -3.08 5.41
CA SER A 103 -11.37 -4.20 6.12
C SER A 103 -9.92 -4.39 5.67
N ALA A 104 -9.11 -5.07 6.48
CA ALA A 104 -7.68 -5.25 6.23
C ALA A 104 -7.32 -6.60 5.61
N VAL A 105 -6.78 -6.59 4.39
CA VAL A 105 -6.51 -7.84 3.70
C VAL A 105 -5.02 -8.22 3.71
N TYR A 106 -4.15 -7.28 4.04
CA TYR A 106 -2.72 -7.66 4.11
C TYR A 106 -1.98 -6.60 4.88
N MET A 107 -0.70 -6.86 5.13
CA MET A 107 0.16 -5.95 5.88
C MET A 107 1.49 -5.86 5.12
N GLY A 108 1.96 -4.65 4.87
CA GLY A 108 3.18 -4.47 4.09
C GLY A 108 4.18 -3.60 4.84
N ILE A 109 5.46 -3.96 4.81
CA ILE A 109 6.47 -3.29 5.63
C ILE A 109 7.15 -2.18 4.85
N LEU A 110 7.16 -0.98 5.40
CA LEU A 110 7.85 0.14 4.79
C LEU A 110 9.36 0.00 4.97
N GLY A 111 10.13 0.28 3.92
CA GLY A 111 11.59 0.30 4.06
C GLY A 111 12.20 0.87 2.78
N PHE A 112 13.46 0.55 2.50
CA PHE A 112 13.98 0.93 1.21
C PHE A 112 14.78 -0.23 0.67
N GLY A 113 14.93 -0.27 -0.66
CA GLY A 113 15.70 -1.32 -1.28
C GLY A 113 16.89 -0.65 -1.94
N VAL A 114 18.01 -1.37 -1.97
CA VAL A 114 19.25 -0.79 -2.47
C VAL A 114 19.83 -1.65 -3.56
N ASN A 115 20.18 -1.02 -4.68
CA ASN A 115 20.82 -1.72 -5.78
C ASN A 115 22.31 -1.77 -5.48
N THR A 116 22.77 -2.94 -5.04
CA THR A 116 24.11 -3.06 -4.51
C THR A 116 25.12 -3.00 -5.63
N GLU A 117 24.72 -3.41 -6.83
CA GLU A 117 25.64 -3.33 -7.97
C GLU A 117 25.93 -1.87 -8.32
N ARG A 118 24.88 -1.04 -8.35
CA ARG A 118 25.04 0.36 -8.70
C ARG A 118 25.84 1.09 -7.63
N LEU A 119 25.54 0.87 -6.36
CA LEU A 119 26.32 1.54 -5.32
C LEU A 119 27.80 1.13 -5.37
N ALA A 120 28.03 -0.16 -5.58
CA ALA A 120 29.38 -0.70 -5.58
C ALA A 120 30.19 -0.07 -6.71
N GLN A 121 29.58 -0.03 -7.90
CA GLN A 121 30.21 0.56 -9.07
C GLN A 121 30.55 2.02 -8.84
N LYS A 122 29.72 2.70 -8.05
CA LYS A 122 29.93 4.13 -7.83
C LYS A 122 30.77 4.41 -6.59
N GLY A 123 31.16 3.36 -5.90
CA GLY A 123 31.94 3.52 -4.68
C GLY A 123 31.17 4.20 -3.56
N ILE A 124 29.87 3.87 -3.48
CA ILE A 124 29.00 4.47 -2.47
C ILE A 124 28.59 3.44 -1.42
N PRO A 125 28.83 3.74 -0.13
CA PRO A 125 28.46 2.72 0.87
C PRO A 125 26.94 2.49 0.92
N ILE A 126 26.57 1.27 1.24
CA ILE A 126 25.14 0.97 1.42
C ILE A 126 24.56 1.69 2.65
N PRO A 127 23.41 2.36 2.50
CA PRO A 127 22.74 2.96 3.68
C PRO A 127 21.91 1.97 4.48
N ARG A 128 21.79 2.21 5.79
CA ARG A 128 21.06 1.28 6.66
C ARG A 128 20.10 1.99 7.57
N CYS A 129 20.15 3.31 7.55
CA CYS A 129 19.28 4.12 8.36
C CYS A 129 18.44 5.07 7.51
N TRP A 130 17.21 5.40 7.93
CA TRP A 130 16.51 6.50 7.26
C TRP A 130 17.39 7.73 7.19
N ALA A 131 18.04 8.05 8.29
CA ALA A 131 18.87 9.26 8.36
C ALA A 131 20.04 9.24 7.36
N ASP A 132 20.47 8.05 6.94
CA ASP A 132 21.58 7.97 5.97
C ASP A 132 21.19 8.54 4.63
N LEU A 133 19.90 8.49 4.31
CA LEU A 133 19.42 8.82 2.98
C LEU A 133 19.55 10.31 2.63
N THR A 134 19.81 11.13 3.66
CA THR A 134 19.98 12.56 3.45
C THR A 134 21.45 12.92 3.16
N LYS A 135 22.35 11.94 3.24
CA LYS A 135 23.79 12.20 3.14
C LYS A 135 24.23 12.57 1.72
N PRO A 136 25.31 13.34 1.60
CA PRO A 136 25.84 13.80 0.31
C PRO A 136 25.94 12.70 -0.75
N GLU A 137 26.43 11.53 -0.36
CA GLU A 137 26.72 10.46 -1.30
C GLU A 137 25.47 9.86 -1.94
N TYR A 138 24.27 10.26 -1.49
CA TYR A 138 23.09 9.70 -2.17
C TYR A 138 22.31 10.68 -3.04
N LYS A 139 22.93 11.80 -3.36
CA LYS A 139 22.23 12.82 -4.11
C LYS A 139 21.95 12.27 -5.50
N GLY A 140 20.68 12.35 -5.90
CA GLY A 140 20.25 11.88 -7.20
C GLY A 140 20.01 10.39 -7.28
N GLU A 141 20.18 9.71 -6.16
CA GLU A 141 20.11 8.24 -6.18
C GLU A 141 18.88 7.70 -5.44
N ILE A 142 17.91 8.57 -5.18
CA ILE A 142 16.73 8.11 -4.46
C ILE A 142 15.46 8.35 -5.24
N GLN A 143 14.56 7.37 -5.30
CA GLN A 143 13.21 7.63 -5.81
C GLN A 143 12.19 7.31 -4.72
N ILE A 144 11.18 8.17 -4.61
CA ILE A 144 10.12 7.93 -3.65
C ILE A 144 8.82 8.39 -4.30
N SER A 145 7.70 7.88 -3.81
CA SER A 145 6.43 8.32 -4.35
C SER A 145 5.90 9.61 -3.72
N ASP A 146 4.78 10.11 -4.29
CA ASP A 146 4.17 11.41 -3.92
C ASP A 146 2.85 11.16 -3.20
N PRO A 147 2.70 11.69 -1.97
CA PRO A 147 1.50 11.38 -1.17
C PRO A 147 0.22 12.02 -1.73
N GLN A 148 0.31 12.88 -2.73
CA GLN A 148 -0.92 13.35 -3.34
C GLN A 148 -1.69 12.20 -4.01
N SER A 149 -0.96 11.24 -4.61
CA SER A 149 -1.56 10.17 -5.39
C SER A 149 -1.27 8.76 -4.83
N SER A 150 -0.17 8.62 -4.10
CA SER A 150 0.29 7.31 -3.63
C SER A 150 -0.01 7.07 -2.15
N GLY A 151 -0.58 5.90 -1.83
CA GLY A 151 -0.74 5.48 -0.43
C GLY A 151 0.60 5.28 0.28
N THR A 152 1.56 4.69 -0.44
CA THR A 152 2.86 4.37 0.09
C THR A 152 3.54 5.62 0.62
N ALA A 153 3.46 6.68 -0.15
CA ALA A 153 4.15 7.89 0.20
C ALA A 153 3.59 8.52 1.47
N TYR A 154 2.28 8.42 1.64
CA TYR A 154 1.62 8.93 2.85
C TYR A 154 1.96 8.04 4.07
N THR A 155 1.94 6.72 3.89
CA THR A 155 2.42 5.81 4.93
C THR A 155 3.81 6.16 5.41
N ALA A 156 4.70 6.51 4.48
CA ALA A 156 6.07 6.91 4.83
C ALA A 156 6.06 8.17 5.69
N LEU A 157 5.35 9.21 5.23
CA LEU A 157 5.27 10.48 5.96
C LEU A 157 4.72 10.26 7.38
N ALA A 158 3.65 9.47 7.46
CA ALA A 158 3.03 9.13 8.75
C ALA A 158 4.03 8.33 9.62
N THR A 159 4.82 7.48 8.98
CA THR A 159 5.79 6.70 9.74
C THR A 159 6.90 7.60 10.32
N PHE A 160 7.37 8.57 9.54
CA PHE A 160 8.42 9.45 10.07
C PHE A 160 7.90 10.30 11.23
N ILE A 161 6.65 10.74 11.17
CA ILE A 161 6.13 11.51 12.31
C ILE A 161 6.05 10.64 13.57
N GLN A 162 5.66 9.39 13.39
CA GLN A 162 5.52 8.45 14.50
C GLN A 162 6.88 7.97 15.03
N LEU A 163 7.87 7.84 14.16
CA LEU A 163 9.23 7.54 14.64
C LEU A 163 9.79 8.71 15.42
N TRP A 164 9.56 9.91 14.91
CA TRP A 164 10.16 11.07 15.49
C TRP A 164 9.08 12.00 16.03
N ASP A 165 8.85 13.11 15.33
CA ASP A 165 7.66 13.93 15.56
C ASP A 165 7.42 14.72 14.28
N GLU A 166 6.42 15.59 14.27
CA GLU A 166 6.07 16.22 13.00
C GLU A 166 7.15 17.19 12.50
N PRO A 167 7.65 18.10 13.35
CA PRO A 167 8.71 18.96 12.84
C PRO A 167 9.96 18.20 12.40
N THR A 168 10.40 17.15 13.10
CA THR A 168 11.62 16.53 12.56
C THR A 168 11.30 15.65 11.32
N ALA A 169 10.08 15.15 11.17
CA ALA A 169 9.72 14.40 9.93
C ALA A 169 9.82 15.35 8.74
N PHE A 170 9.30 16.57 8.92
CA PHE A 170 9.34 17.52 7.79
C PHE A 170 10.75 18.04 7.54
N GLU A 171 11.54 18.22 8.59
CA GLU A 171 12.95 18.58 8.42
C GLU A 171 13.67 17.46 7.68
N TYR A 172 13.39 16.21 8.06
CA TYR A 172 13.94 15.08 7.37
C TYR A 172 13.59 15.13 5.90
N PHE A 173 12.32 15.35 5.60
CA PHE A 173 11.91 15.36 4.21
C PHE A 173 12.56 16.51 3.42
N LYS A 174 12.80 17.66 4.04
CA LYS A 174 13.43 18.76 3.34
C LYS A 174 14.82 18.35 2.88
N LYS A 175 15.55 17.66 3.77
CA LYS A 175 16.90 17.20 3.44
C LYS A 175 16.82 16.04 2.44
N LEU A 176 15.88 15.13 2.66
CA LEU A 176 15.73 14.02 1.71
C LEU A 176 15.44 14.52 0.29
N ASP A 177 14.67 15.60 0.20
CA ASP A 177 14.20 16.14 -1.07
C ASP A 177 15.35 16.53 -1.98
N LYS A 178 16.42 17.05 -1.39
CA LYS A 178 17.58 17.47 -2.15
C LYS A 178 18.18 16.28 -2.88
N ASN A 179 17.96 15.07 -2.35
CA ASN A 179 18.56 13.85 -2.94
C ASN A 179 17.64 13.07 -3.84
N VAL A 180 16.38 13.45 -3.88
CA VAL A 180 15.36 12.71 -4.64
C VAL A 180 15.54 13.02 -6.12
N SER A 181 15.66 11.99 -6.95
CA SER A 181 15.72 12.25 -8.37
C SER A 181 14.33 12.39 -8.98
N GLN A 182 13.36 11.57 -8.54
CA GLN A 182 11.97 11.63 -9.04
C GLN A 182 10.96 11.36 -7.93
N TYR A 183 9.88 12.14 -7.95
CA TYR A 183 8.67 11.79 -7.20
C TYR A 183 7.70 11.04 -8.10
N THR A 184 7.40 9.81 -7.74
CA THR A 184 6.51 8.98 -8.59
C THR A 184 5.07 8.98 -8.12
N LYS A 185 4.17 8.81 -9.08
CA LYS A 185 2.74 8.91 -8.81
C LYS A 185 2.20 7.67 -8.08
N SER A 186 2.84 6.51 -8.29
CA SER A 186 2.47 5.31 -7.52
C SER A 186 3.64 4.77 -6.71
N GLY A 187 3.31 3.97 -5.69
CA GLY A 187 4.30 3.53 -4.74
C GLY A 187 5.31 2.53 -5.23
N VAL A 188 4.92 1.70 -6.20
CA VAL A 188 5.78 0.60 -6.67
C VAL A 188 6.91 1.05 -7.56
N THR A 189 6.77 2.23 -8.14
CA THR A 189 7.62 2.65 -9.22
C THR A 189 9.10 2.73 -8.81
N PRO A 190 9.40 3.23 -7.59
CA PRO A 190 10.81 3.19 -7.16
C PRO A 190 11.43 1.78 -7.12
N SER A 191 10.64 0.75 -6.82
CA SER A 191 11.18 -0.59 -6.82
C SER A 191 11.57 -1.01 -8.25
N ARG A 192 10.80 -0.56 -9.23
CA ARG A 192 11.04 -0.93 -10.63
C ARG A 192 12.31 -0.26 -11.15
N ASN A 193 12.51 0.99 -10.76
CA ASN A 193 13.59 1.76 -11.30
C ASN A 193 14.89 1.50 -10.55
N SER A 194 14.80 1.27 -9.24
CA SER A 194 16.00 0.83 -8.51
C SER A 194 16.39 -0.58 -8.97
N ALA A 195 15.44 -1.46 -9.26
CA ALA A 195 15.81 -2.77 -9.76
C ALA A 195 16.61 -2.69 -11.05
N ARG A 196 16.21 -1.81 -11.96
CA ARG A 196 16.91 -1.77 -13.24
C ARG A 196 18.19 -0.94 -13.16
N GLY A 197 18.42 -0.28 -12.04
CA GLY A 197 19.65 0.44 -11.84
C GLY A 197 19.64 1.88 -12.32
N GLU A 198 18.45 2.47 -12.55
CA GLU A 198 18.37 3.88 -12.95
C GLU A 198 18.70 4.78 -11.77
N VAL A 199 18.34 4.30 -10.59
CA VAL A 199 18.69 4.93 -9.31
C VAL A 199 19.07 3.83 -8.34
N ALA A 200 19.81 4.19 -7.30
CA ALA A 200 20.35 3.15 -6.44
C ALA A 200 19.36 2.71 -5.31
N ILE A 201 18.45 3.60 -4.95
CA ILE A 201 17.65 3.40 -3.74
C ILE A 201 16.22 3.73 -4.03
N GLY A 202 15.33 2.79 -3.72
CA GLY A 202 13.90 3.04 -3.77
C GLY A 202 13.29 2.97 -2.38
N ILE A 203 12.44 3.95 -2.03
CA ILE A 203 11.70 3.87 -0.78
C ILE A 203 10.27 3.36 -1.09
N GLY A 204 9.81 2.36 -0.34
CA GLY A 204 8.51 1.78 -0.60
C GLY A 204 8.22 0.61 0.31
N PHE A 205 7.32 -0.30 -0.12
CA PHE A 205 7.06 -1.48 0.67
C PHE A 205 7.96 -2.63 0.25
N LEU A 206 8.53 -3.29 1.26
CA LEU A 206 9.63 -4.19 1.03
C LEU A 206 9.27 -5.41 0.20
N HIS A 207 8.00 -5.90 0.25
CA HIS A 207 7.69 -7.08 -0.57
C HIS A 207 7.84 -6.80 -2.10
N ASP A 208 7.62 -5.56 -2.53
CA ASP A 208 7.81 -5.25 -3.95
C ASP A 208 9.30 -5.42 -4.31
N TYR A 209 10.17 -5.06 -3.38
CA TYR A 209 11.63 -5.26 -3.57
C TYR A 209 12.00 -6.75 -3.56
N SER A 210 11.37 -7.53 -2.67
CA SER A 210 11.59 -8.98 -2.67
C SER A 210 11.28 -9.60 -4.04
N LEU A 211 10.23 -9.09 -4.69
CA LEU A 211 9.82 -9.62 -5.97
C LEU A 211 10.88 -9.33 -7.01
N GLU A 212 11.36 -8.09 -7.00
CA GLU A 212 12.39 -7.71 -7.97
C GLU A 212 13.65 -8.53 -7.77
N GLN A 213 13.96 -8.81 -6.51
CA GLN A 213 15.10 -9.64 -6.14
C GLN A 213 14.92 -11.02 -6.73
N ALA A 214 13.72 -11.55 -6.56
CA ALA A 214 13.39 -12.89 -7.01
C ALA A 214 13.49 -12.98 -8.52
N LYS A 215 13.28 -11.86 -9.20
CA LYS A 215 13.42 -11.79 -10.67
C LYS A 215 14.86 -11.55 -11.11
N GLY A 216 15.80 -11.45 -10.18
CA GLY A 216 17.20 -11.37 -10.55
C GLY A 216 17.83 -10.02 -10.33
N ALA A 217 17.05 -9.06 -9.83
CA ALA A 217 17.62 -7.72 -9.63
C ALA A 217 18.57 -7.74 -8.44
N PRO A 218 19.69 -6.99 -8.54
CA PRO A 218 20.71 -6.95 -7.48
C PRO A 218 20.30 -5.99 -6.38
N LEU A 219 19.17 -6.30 -5.75
CA LEU A 219 18.61 -5.45 -4.71
C LEU A 219 18.80 -6.09 -3.36
N GLU A 220 19.00 -5.25 -2.35
CA GLU A 220 19.03 -5.71 -0.99
C GLU A 220 17.95 -4.94 -0.22
N LEU A 221 17.10 -5.65 0.52
CA LEU A 221 16.09 -4.97 1.34
C LEU A 221 16.68 -4.45 2.63
N ILE A 222 16.29 -3.23 3.02
CA ILE A 222 16.69 -2.66 4.31
C ILE A 222 15.46 -2.31 5.16
N SER A 223 15.37 -2.89 6.35
CA SER A 223 14.47 -2.40 7.41
C SER A 223 15.33 -1.45 8.23
N PRO A 224 15.05 -0.13 8.14
CA PRO A 224 16.12 0.80 8.57
C PRO A 224 16.31 0.83 10.10
N CYS A 225 17.49 1.28 10.48
CA CYS A 225 17.94 1.27 11.83
C CYS A 225 17.03 1.89 12.91
N GLU A 226 16.38 2.99 12.58
CA GLU A 226 15.57 3.70 13.54
C GLU A 226 14.27 2.98 13.85
N GLY A 227 13.94 2.02 13.02
CA GLY A 227 12.61 1.44 12.98
C GLY A 227 11.83 1.87 11.76
N THR A 228 10.65 1.30 11.62
CA THR A 228 9.85 1.60 10.43
C THR A 228 8.36 1.31 10.67
N GLY A 229 7.55 1.50 9.70
CA GLY A 229 6.09 1.47 9.70
C GLY A 229 5.63 0.40 8.72
N TYR A 230 4.29 0.45 8.59
CA TYR A 230 3.66 -0.54 7.70
C TYR A 230 2.34 0.00 7.20
N GLU A 231 1.86 -0.60 6.12
CA GLU A 231 0.50 -0.42 5.61
C GLU A 231 -0.34 -1.60 6.06
N LEU A 232 -1.64 -1.34 6.13
CA LEU A 232 -2.64 -2.39 6.00
C LEU A 232 -3.23 -2.22 4.62
N GLY A 233 -3.33 -3.31 3.85
CA GLY A 233 -4.02 -3.23 2.58
C GLY A 233 -5.50 -3.24 2.85
N GLY A 234 -6.24 -2.34 2.20
CA GLY A 234 -7.67 -2.27 2.48
C GLY A 234 -8.59 -2.87 1.42
N VAL A 235 -9.76 -3.32 1.83
CA VAL A 235 -10.87 -3.60 0.89
C VAL A 235 -12.09 -2.87 1.40
N SER A 236 -12.81 -2.21 0.48
CA SER A 236 -13.99 -1.40 0.81
C SER A 236 -15.05 -1.51 -0.28
N ILE A 237 -16.32 -1.61 0.10
CA ILE A 237 -17.38 -1.53 -0.89
C ILE A 237 -17.75 -0.07 -1.11
N ILE A 238 -17.89 0.31 -2.38
CA ILE A 238 -18.18 1.68 -2.73
C ILE A 238 -19.68 2.00 -2.49
N LYS A 239 -19.98 3.13 -1.85
CA LYS A 239 -21.38 3.48 -1.62
C LYS A 239 -22.13 3.58 -2.96
N GLY A 240 -23.24 2.85 -3.08
CA GLY A 240 -24.04 2.92 -4.28
C GLY A 240 -23.60 1.94 -5.35
N ALA A 241 -22.72 1.04 -4.95
CA ALA A 241 -22.29 -0.09 -5.79
C ALA A 241 -23.47 -0.66 -6.57
N ARG A 242 -23.30 -0.82 -7.89
CA ARG A 242 -24.36 -1.37 -8.74
C ARG A 242 -24.51 -2.87 -8.57
N ASN A 243 -23.38 -3.54 -8.32
CA ASN A 243 -23.36 -5.01 -8.16
C ASN A 243 -23.05 -5.38 -6.72
N LEU A 244 -24.00 -5.13 -5.83
CA LEU A 244 -23.67 -5.11 -4.39
C LEU A 244 -23.44 -6.51 -3.81
N ASP A 245 -24.20 -7.50 -4.29
CA ASP A 245 -24.02 -8.85 -3.80
C ASP A 245 -22.68 -9.43 -4.16
N ASN A 246 -22.27 -9.23 -5.42
CA ASN A 246 -20.94 -9.70 -5.83
C ASN A 246 -19.83 -8.94 -5.11
N ALA A 247 -20.07 -7.67 -4.78
CA ALA A 247 -19.12 -6.90 -3.94
C ALA A 247 -18.94 -7.53 -2.57
N LYS A 248 -20.06 -7.88 -1.94
CA LYS A 248 -19.99 -8.50 -0.62
C LYS A 248 -19.29 -9.86 -0.71
N LEU A 249 -19.65 -10.64 -1.71
CA LEU A 249 -18.96 -11.90 -1.97
C LEU A 249 -17.45 -11.72 -2.17
N PHE A 250 -17.07 -10.65 -2.86
CA PHE A 250 -15.65 -10.36 -3.10
C PHE A 250 -14.95 -10.05 -1.78
N VAL A 251 -15.62 -9.27 -0.94
CA VAL A 251 -15.04 -8.92 0.38
C VAL A 251 -14.84 -10.18 1.18
N ASP A 252 -15.88 -11.00 1.26
CA ASP A 252 -15.78 -12.28 1.98
C ASP A 252 -14.58 -13.07 1.44
N TRP A 253 -14.44 -13.08 0.10
CA TRP A 253 -13.43 -13.94 -0.48
C TRP A 253 -12.02 -13.40 -0.23
N VAL A 254 -11.83 -12.09 -0.36
CA VAL A 254 -10.44 -11.60 -0.23
C VAL A 254 -10.00 -11.50 1.25
N LEU A 255 -10.96 -11.62 2.16
CA LEU A 255 -10.65 -11.75 3.60
C LEU A 255 -10.42 -13.21 4.01
N SER A 256 -10.72 -14.15 3.10
CA SER A 256 -10.59 -15.57 3.43
C SER A 256 -9.16 -16.09 3.23
N LYS A 257 -8.87 -17.26 3.81
CA LYS A 257 -7.64 -17.99 3.54
C LYS A 257 -7.39 -18.17 2.06
N GLU A 258 -8.43 -18.63 1.39
CA GLU A 258 -8.34 -18.92 -0.03
C GLU A 258 -8.02 -17.65 -0.87
N GLY A 259 -8.74 -16.57 -0.61
CA GLY A 259 -8.51 -15.34 -1.36
C GLY A 259 -7.16 -14.70 -1.08
N GLN A 260 -6.73 -14.73 0.19
CA GLN A 260 -5.45 -14.13 0.51
C GLN A 260 -4.24 -14.89 -0.04
N GLU A 261 -4.30 -16.22 -0.02
CA GLU A 261 -3.17 -16.99 -0.52
C GLU A 261 -2.96 -16.76 -2.03
N VAL A 262 -4.02 -16.40 -2.76
CA VAL A 262 -3.85 -16.14 -4.20
C VAL A 262 -2.83 -15.01 -4.40
N ALA A 263 -2.80 -14.03 -3.50
CA ALA A 263 -1.92 -12.86 -3.69
C ALA A 263 -0.43 -13.27 -3.89
N TRP A 264 0.10 -14.14 -3.03
CA TRP A 264 1.50 -14.52 -3.19
C TRP A 264 1.70 -15.79 -4.02
N LYS A 265 0.72 -16.68 -4.02
CA LYS A 265 0.88 -17.90 -4.80
C LYS A 265 0.64 -17.71 -6.29
N GLN A 266 -0.10 -16.67 -6.66
CA GLN A 266 -0.41 -16.41 -8.05
C GLN A 266 -0.13 -14.98 -8.48
N GLY A 267 -0.17 -14.05 -7.53
CA GLY A 267 0.02 -12.64 -7.88
C GLY A 267 1.41 -12.05 -7.62
N ASP A 268 2.34 -12.92 -7.25
CA ASP A 268 3.73 -12.55 -6.95
C ASP A 268 3.85 -11.45 -5.90
N SER A 269 2.88 -11.38 -5.00
CA SER A 269 2.77 -10.23 -4.11
C SER A 269 2.89 -10.75 -2.70
N TYR A 270 3.98 -10.40 -2.01
CA TYR A 270 4.42 -11.11 -0.82
C TYR A 270 4.12 -10.36 0.48
N GLN A 271 3.00 -9.67 0.52
CA GLN A 271 2.59 -9.08 1.78
C GLN A 271 2.30 -10.13 2.82
N ILE A 272 2.35 -9.69 4.08
CA ILE A 272 1.88 -10.50 5.21
C ILE A 272 0.35 -10.61 5.18
N LEU A 273 -0.16 -11.83 5.31
CA LEU A 273 -1.62 -12.04 5.23
C LEU A 273 -2.28 -11.82 6.59
N THR A 274 -3.49 -11.22 6.62
CA THR A 274 -4.17 -10.92 7.89
C THR A 274 -5.06 -12.06 8.36
N ASN A 275 -5.39 -13.02 7.48
CA ASN A 275 -6.25 -14.14 7.89
C ASN A 275 -5.41 -15.16 8.67
N THR A 276 -5.86 -15.48 9.88
CA THR A 276 -5.11 -16.32 10.81
C THR A 276 -4.94 -17.76 10.32
N GLN A 277 -5.75 -18.18 9.34
CA GLN A 277 -5.65 -19.55 8.80
C GLN A 277 -4.90 -19.60 7.47
N ALA A 278 -4.45 -18.46 6.99
CA ALA A 278 -3.76 -18.41 5.74
C ALA A 278 -2.32 -18.86 5.90
N GLU A 279 -1.83 -19.61 4.91
CA GLU A 279 -0.42 -19.91 4.78
C GLU A 279 0.31 -18.64 4.39
N GLN A 280 1.34 -18.24 5.15
CA GLN A 280 2.12 -17.06 4.79
C GLN A 280 3.19 -17.40 3.73
N SER A 281 3.48 -16.43 2.87
CA SER A 281 4.56 -16.66 1.89
C SER A 281 5.90 -16.91 2.57
N PRO A 282 6.69 -17.87 2.08
CA PRO A 282 8.07 -17.97 2.59
C PRO A 282 8.89 -16.73 2.27
N ASN A 283 8.43 -15.90 1.35
CA ASN A 283 9.15 -14.69 1.02
C ASN A 283 8.66 -13.46 1.76
N ALA A 284 7.60 -13.60 2.56
CA ALA A 284 7.07 -12.49 3.34
C ALA A 284 7.98 -12.21 4.53
N LEU A 285 8.05 -10.94 4.95
CA LEU A 285 8.79 -10.64 6.17
C LEU A 285 7.93 -10.99 7.38
N ASP A 286 8.61 -11.29 8.48
CA ASP A 286 7.93 -11.58 9.73
C ASP A 286 7.99 -10.34 10.63
N PRO A 287 6.83 -9.73 10.92
CA PRO A 287 6.87 -8.47 11.66
C PRO A 287 7.51 -8.55 13.03
N LYS A 288 7.42 -9.70 13.70
CA LYS A 288 7.97 -9.79 15.05
C LYS A 288 9.48 -9.68 15.02
N THR A 289 10.08 -9.82 13.84
CA THR A 289 11.53 -9.78 13.75
C THR A 289 12.05 -8.39 13.40
N LEU A 290 11.13 -7.43 13.26
CA LEU A 290 11.46 -6.08 12.80
C LEU A 290 11.18 -5.04 13.86
N LYS A 291 11.85 -3.89 13.76
CA LYS A 291 11.59 -2.77 14.65
C LYS A 291 10.43 -1.93 14.17
N LEU A 292 9.21 -2.26 14.56
CA LEU A 292 8.04 -1.58 14.01
C LEU A 292 7.41 -0.68 15.02
N ILE A 293 6.98 0.49 14.56
CA ILE A 293 6.08 1.33 15.34
C ILE A 293 4.70 0.70 15.39
N ASN A 294 3.86 1.20 16.29
CA ASN A 294 2.43 0.86 16.30
C ASN A 294 1.72 1.95 15.50
N TYR A 295 1.42 1.66 14.24
CA TYR A 295 0.91 2.71 13.35
C TYR A 295 -0.55 3.05 13.70
N ASP A 296 -0.81 4.31 13.97
CA ASP A 296 -2.14 4.79 14.40
C ASP A 296 -3.00 4.95 13.15
N MET A 297 -3.69 3.88 12.76
CA MET A 297 -4.49 3.90 11.54
C MET A 297 -5.64 4.87 11.64
N GLU A 298 -6.17 5.03 12.85
CA GLU A 298 -7.29 5.93 13.04
C GLU A 298 -6.92 7.39 12.83
N THR A 299 -5.79 7.83 13.38
CA THR A 299 -5.49 9.25 13.25
C THR A 299 -4.98 9.57 11.86
N TYR A 300 -4.12 8.72 11.32
CA TYR A 300 -3.59 9.04 9.99
C TYR A 300 -4.61 8.76 8.87
N GLY A 301 -5.62 7.93 9.18
CA GLY A 301 -6.74 7.72 8.27
C GLY A 301 -7.90 8.66 8.54
N SER A 302 -7.66 9.71 9.33
CA SER A 302 -8.67 10.76 9.52
C SER A 302 -8.57 11.80 8.42
N SER A 303 -9.71 12.24 7.90
CA SER A 303 -9.70 13.19 6.78
C SER A 303 -8.92 14.46 7.07
N ASP A 304 -9.07 15.04 8.26
CA ASP A 304 -8.40 16.33 8.50
C ASP A 304 -6.87 16.16 8.52
N GLU A 305 -6.40 15.04 9.06
CA GLU A 305 -4.96 14.79 9.06
C GLU A 305 -4.42 14.50 7.65
N ARG A 306 -5.14 13.69 6.89
CA ARG A 306 -4.73 13.41 5.51
C ARG A 306 -4.58 14.70 4.76
N LYS A 307 -5.60 15.56 4.82
CA LYS A 307 -5.55 16.76 4.03
C LYS A 307 -4.50 17.75 4.53
N ARG A 308 -4.38 17.85 5.85
CA ARG A 308 -3.45 18.80 6.46
C ARG A 308 -2.01 18.39 6.15
N LEU A 309 -1.72 17.12 6.36
CA LEU A 309 -0.36 16.61 6.18
C LEU A 309 0.07 16.64 4.69
N ILE A 310 -0.84 16.27 3.81
CA ILE A 310 -0.49 16.22 2.40
C ILE A 310 -0.35 17.63 1.88
N THR A 311 -1.24 18.54 2.30
CA THR A 311 -1.10 19.94 1.89
C THR A 311 0.24 20.53 2.41
N LYS A 312 0.60 20.21 3.64
CA LYS A 312 1.83 20.74 4.22
C LYS A 312 3.03 20.17 3.44
N TRP A 313 2.93 18.89 3.09
CA TRP A 313 4.01 18.26 2.33
C TRP A 313 4.14 18.91 0.95
N VAL A 314 3.03 19.16 0.27
CA VAL A 314 3.17 19.80 -1.06
C VAL A 314 3.75 21.20 -0.93
N ASN A 315 3.29 21.92 0.08
CA ASN A 315 3.70 23.30 0.28
C ASN A 315 5.16 23.44 0.69
N GLU A 316 5.55 22.67 1.70
CA GLU A 316 6.87 22.83 2.34
C GLU A 316 7.98 22.03 1.70
N ILE A 317 7.64 20.85 1.20
CA ILE A 317 8.67 19.93 0.70
C ILE A 317 8.75 20.02 -0.82
N LYS A 318 7.68 19.62 -1.49
CA LYS A 318 7.71 19.53 -2.94
C LYS A 318 7.81 20.90 -3.58
N MET A 319 7.09 21.85 -2.97
CA MET A 319 6.91 23.23 -3.46
C MET A 319 5.95 23.27 -4.64
C1 G6P B . 2.54 -1.68 -3.83
C2 G6P B . 2.33 -2.85 -2.93
C3 G6P B . 1.05 -2.81 -2.18
C4 G6P B . 0.61 -1.44 -1.72
C5 G6P B . 0.38 -0.53 -2.94
C6 G6P B . 0.19 0.94 -2.63
O1 G6P B . 3.13 -1.91 -5.06
O2 G6P B . 2.55 -4.15 -3.57
O3 G6P B . 1.30 -3.64 -1.06
O4 G6P B . -0.63 -1.45 -1.00
O5 G6P B . 1.58 -0.55 -3.75
O6 G6P B . 0.16 1.62 -3.89
P G6P B . 0.25 3.20 -4.04
O1P G6P B . 1.44 3.66 -3.24
O2P G6P B . 0.42 3.49 -5.51
O3P G6P B . -1.02 3.78 -3.50
#